data_5IGM
#
_entry.id   5IGM
#
_cell.length_a   70.177
_cell.length_b   125.677
_cell.length_c   29.787
_cell.angle_alpha   90.00
_cell.angle_beta   90.00
_cell.angle_gamma   90.00
#
_symmetry.space_group_name_H-M   'P 21 21 2'
#
loop_
_entity.id
_entity.type
_entity.pdbx_description
1 polymer 'Bromodomain-containing protein 9'
2 non-polymer Bromosporine
3 water water
#
_entity_poly.entity_id   1
_entity_poly.type   'polypeptide(L)'
_entity_poly.pdbx_seq_one_letter_code
;SMLKLSAENESTPIQQLLEHFLRQLQRKDPHGFFAFPVTDAIAPGYSMIIKHPMDFGTMKDKIVANEYKSVTEFKADFKL
MCDNAMTYNRPDTVYYKLAKKILHAGFKMMSKERLLALKRSMS
;
_entity_poly.pdbx_strand_id   A,B
#
loop_
_chem_comp.id
_chem_comp.type
_chem_comp.name
_chem_comp.formula
BMF non-polymer Bromosporine 'C17 H20 N6 O4 S'
#
# COMPACT_ATOMS: atom_id res chain seq x y z
N SER A 11 -3.71 -6.30 -5.89
CA SER A 11 -2.57 -6.52 -6.80
C SER A 11 -1.37 -5.71 -6.38
N THR A 12 -0.84 -5.95 -5.18
CA THR A 12 -1.35 -6.80 -4.08
C THR A 12 -1.07 -5.91 -2.87
N PRO A 13 -1.42 -6.32 -1.63
CA PRO A 13 -1.11 -5.36 -0.57
C PRO A 13 0.42 -5.16 -0.40
N ILE A 14 1.17 -6.26 -0.43
CA ILE A 14 2.65 -6.20 -0.36
C ILE A 14 3.23 -5.37 -1.51
N GLN A 15 2.72 -5.56 -2.72
CA GLN A 15 3.26 -4.81 -3.87
C GLN A 15 2.98 -3.31 -3.71
N GLN A 16 1.76 -2.95 -3.28
CA GLN A 16 1.46 -1.54 -3.02
C GLN A 16 2.35 -0.92 -1.96
N LEU A 17 2.60 -1.65 -0.90
CA LEU A 17 3.47 -1.14 0.18
C LEU A 17 4.92 -0.98 -0.29
N LEU A 18 5.44 -1.98 -0.97
CA LEU A 18 6.79 -1.86 -1.49
C LEU A 18 6.94 -0.75 -2.52
N GLU A 19 5.92 -0.54 -3.37
CA GLU A 19 5.94 0.57 -4.31
C GLU A 19 5.98 1.92 -3.62
N HIS A 20 5.20 2.03 -2.55
CA HIS A 20 5.20 3.20 -1.69
C HIS A 20 6.63 3.47 -1.17
N PHE A 21 7.23 2.50 -0.50
CA PHE A 21 8.61 2.67 0.00
C PHE A 21 9.55 3.03 -1.14
N LEU A 22 9.43 2.31 -2.23
CA LEU A 22 10.33 2.54 -3.32
C LEU A 22 10.23 3.95 -3.90
N ARG A 23 9.00 4.47 -4.07
CA ARG A 23 8.82 5.83 -4.58
C ARG A 23 9.47 6.85 -3.66
N GLN A 24 9.29 6.65 -2.36
CA GLN A 24 9.80 7.59 -1.33
C GLN A 24 11.34 7.62 -1.33
N LEU A 25 11.93 6.45 -1.58
CA LEU A 25 13.39 6.34 -1.66
C LEU A 25 13.93 6.98 -2.94
N GLN A 26 13.29 6.69 -4.07
CA GLN A 26 13.72 7.25 -5.36
C GLN A 26 13.64 8.78 -5.44
N ARG A 27 12.73 9.37 -4.68
CA ARG A 27 12.66 10.84 -4.60
C ARG A 27 13.94 11.47 -4.00
N LYS A 28 14.72 10.67 -3.27
CA LYS A 28 15.97 11.10 -2.68
C LYS A 28 17.15 10.96 -3.64
N ASP A 29 16.89 10.49 -4.85
CA ASP A 29 17.89 10.36 -5.91
C ASP A 29 17.47 11.13 -7.15
N PRO A 30 17.43 12.47 -7.07
CA PRO A 30 16.98 13.30 -8.20
C PRO A 30 17.77 13.12 -9.49
N HIS A 31 19.07 12.85 -9.38
CA HIS A 31 19.92 12.73 -10.55
C HIS A 31 19.81 11.37 -11.22
N GLY A 32 19.13 10.41 -10.57
CA GLY A 32 18.95 9.11 -11.14
C GLY A 32 20.20 8.21 -11.10
N PHE A 33 21.15 8.48 -10.20
CA PHE A 33 22.35 7.59 -10.12
C PHE A 33 22.01 6.13 -9.84
N PHE A 34 20.97 5.88 -9.04
CA PHE A 34 20.57 4.53 -8.65
C PHE A 34 19.45 3.92 -9.52
N ALA A 35 19.05 4.64 -10.56
CA ALA A 35 17.85 4.27 -11.33
C ALA A 35 18.04 2.99 -12.13
N PHE A 36 19.25 2.78 -12.65
CA PHE A 36 19.58 1.62 -13.48
C PHE A 36 20.95 1.02 -13.12
N PRO A 37 21.24 -0.21 -13.59
CA PRO A 37 22.53 -0.81 -13.24
C PRO A 37 23.75 0.03 -13.69
N VAL A 38 24.79 0.06 -12.85
CA VAL A 38 26.00 0.80 -13.14
C VAL A 38 26.83 0.00 -14.14
N THR A 39 27.25 0.65 -15.21
CA THR A 39 27.98 -0.03 -16.26
C THR A 39 29.45 0.29 -16.11
N ASP A 40 30.30 -0.61 -16.60
CA ASP A 40 31.75 -0.36 -16.63
C ASP A 40 32.10 0.86 -17.48
N ALA A 41 31.30 1.12 -18.52
CA ALA A 41 31.46 2.34 -19.30
C ALA A 41 31.37 3.58 -18.40
N ILE A 42 30.40 3.59 -17.47
CA ILE A 42 30.19 4.72 -16.58
C ILE A 42 31.21 4.73 -15.44
N ALA A 43 31.48 3.56 -14.88
CA ALA A 43 32.37 3.45 -13.73
C ALA A 43 33.38 2.38 -14.02
N PRO A 44 34.58 2.78 -14.49
CA PRO A 44 35.58 1.80 -14.91
C PRO A 44 35.89 0.75 -13.84
N GLY A 45 35.94 -0.51 -14.26
CA GLY A 45 36.35 -1.58 -13.37
C GLY A 45 35.25 -1.99 -12.41
N TYR A 46 34.04 -1.43 -12.57
CA TYR A 46 32.94 -1.65 -11.60
C TYR A 46 32.64 -3.16 -11.41
N SER A 47 32.50 -3.88 -12.52
CA SER A 47 32.18 -5.30 -12.45
C SER A 47 33.31 -6.18 -11.85
N MET A 48 34.54 -5.69 -11.87
CA MET A 48 35.70 -6.35 -11.27
C MET A 48 35.61 -6.35 -9.74
N ILE A 49 34.88 -5.39 -9.21
CA ILE A 49 34.82 -5.07 -7.77
C ILE A 49 33.49 -5.51 -7.15
N ILE A 50 32.39 -5.16 -7.81
CA ILE A 50 31.02 -5.35 -7.29
C ILE A 50 30.44 -6.59 -7.97
N LYS A 51 30.26 -7.63 -7.20
CA LYS A 51 29.81 -8.92 -7.68
C LYS A 51 28.32 -9.18 -7.54
N HIS A 52 27.62 -8.42 -6.70
CA HIS A 52 26.17 -8.57 -6.56
C HIS A 52 25.54 -7.21 -6.75
N PRO A 53 25.48 -6.75 -8.02
CA PRO A 53 24.90 -5.46 -8.33
C PRO A 53 23.40 -5.35 -8.00
N MET A 54 22.97 -4.13 -7.72
CA MET A 54 21.54 -3.85 -7.50
C MET A 54 21.28 -2.39 -7.83
N ASP A 55 20.03 -2.09 -8.20
CA ASP A 55 19.62 -0.75 -8.55
C ASP A 55 18.07 -0.68 -8.45
N PHE A 56 17.53 0.52 -8.43
CA PHE A 56 16.10 0.76 -8.17
C PHE A 56 15.24 0.13 -9.27
N GLY A 57 15.75 0.21 -10.51
CA GLY A 57 15.10 -0.41 -11.67
C GLY A 57 14.86 -1.89 -11.46
N THR A 58 15.91 -2.62 -11.09
CA THR A 58 15.80 -4.02 -10.75
C THR A 58 14.87 -4.28 -9.58
N MET A 59 14.86 -3.38 -8.59
CA MET A 59 13.99 -3.57 -7.43
C MET A 59 12.53 -3.38 -7.89
N LYS A 60 12.31 -2.37 -8.71
CA LYS A 60 10.96 -2.06 -9.27
C LYS A 60 10.47 -3.25 -10.08
N ASP A 61 11.29 -3.73 -11.00
CA ASP A 61 10.93 -4.92 -11.79
C ASP A 61 10.58 -6.08 -10.86
N LYS A 62 11.31 -6.20 -9.75
CA LYS A 62 11.08 -7.30 -8.80
C LYS A 62 9.72 -7.14 -8.13
N ILE A 63 9.32 -5.91 -7.82
CA ILE A 63 8.01 -5.67 -7.20
C ILE A 63 6.94 -6.04 -8.24
N VAL A 64 7.06 -5.46 -9.44
CA VAL A 64 6.09 -5.70 -10.54
C VAL A 64 5.95 -7.19 -10.88
N ALA A 65 7.07 -7.91 -10.91
CA ALA A 65 7.04 -9.35 -11.10
C ALA A 65 6.66 -10.08 -9.80
N ASN A 66 6.39 -9.33 -8.74
CA ASN A 66 6.03 -9.88 -7.43
C ASN A 66 7.04 -10.89 -6.88
N GLU A 67 8.32 -10.62 -7.11
CA GLU A 67 9.40 -11.48 -6.62
C GLU A 67 9.75 -11.26 -5.16
N TYR A 68 9.34 -10.13 -4.57
CA TYR A 68 9.58 -9.91 -3.15
C TYR A 68 8.51 -10.51 -2.29
N LYS A 69 8.89 -11.44 -1.43
CA LYS A 69 7.96 -12.12 -0.53
C LYS A 69 7.91 -11.50 0.86
N SER A 70 8.88 -10.64 1.19
CA SER A 70 8.86 -9.93 2.47
C SER A 70 9.48 -8.55 2.31
N VAL A 71 9.23 -7.67 3.28
CA VAL A 71 9.81 -6.32 3.26
C VAL A 71 11.29 -6.47 3.60
N THR A 72 11.63 -7.55 4.29
CA THR A 72 13.05 -7.91 4.55
C THR A 72 13.89 -8.14 3.30
N GLU A 73 13.37 -8.92 2.37
CA GLU A 73 13.97 -9.14 1.06
C GLU A 73 14.18 -7.80 0.40
N PHE A 74 13.17 -6.93 0.50
CA PHE A 74 13.26 -5.60 -0.07
C PHE A 74 14.38 -4.77 0.57
N LYS A 75 14.39 -4.71 1.90
CA LYS A 75 15.35 -3.90 2.63
C LYS A 75 16.75 -4.40 2.35
N ALA A 76 16.90 -5.70 2.18
CA ALA A 76 18.24 -6.25 1.95
C ALA A 76 18.77 -5.84 0.59
N ASP A 77 17.91 -5.87 -0.43
CA ASP A 77 18.26 -5.39 -1.75
C ASP A 77 18.63 -3.90 -1.72
N PHE A 78 17.85 -3.10 -1.00
CA PHE A 78 18.12 -1.68 -0.88
C PHE A 78 19.53 -1.48 -0.22
N LYS A 79 19.77 -2.18 0.87
CA LYS A 79 21.07 -2.05 1.60
C LYS A 79 22.22 -2.51 0.68
N LEU A 80 22.01 -3.59 -0.06
CA LEU A 80 23.03 -4.05 -1.01
C LEU A 80 23.38 -2.96 -2.03
N MET A 81 22.34 -2.38 -2.62
CA MET A 81 22.51 -1.24 -3.50
C MET A 81 23.39 -0.13 -2.93
N CYS A 82 23.09 0.29 -1.71
CA CYS A 82 23.82 1.39 -1.09
C CYS A 82 25.24 0.91 -0.75
N ASP A 83 25.35 -0.29 -0.21
CA ASP A 83 26.64 -0.86 0.22
C ASP A 83 27.58 -0.92 -0.99
N ASN A 84 27.05 -1.27 -2.16
CA ASN A 84 27.87 -1.39 -3.37
C ASN A 84 28.46 -0.03 -3.73
N ALA A 85 27.67 1.00 -3.60
CA ALA A 85 28.11 2.34 -3.95
C ALA A 85 29.20 2.77 -2.98
N MET A 86 29.07 2.41 -1.71
CA MET A 86 30.10 2.82 -0.71
C MET A 86 31.36 1.99 -0.84
N THR A 87 31.24 0.80 -1.40
CA THR A 87 32.40 -0.08 -1.59
C THR A 87 33.21 0.40 -2.79
N TYR A 88 32.53 0.68 -3.90
CA TYR A 88 33.21 1.04 -5.16
C TYR A 88 33.76 2.46 -5.10
N ASN A 89 32.99 3.40 -4.61
CA ASN A 89 33.40 4.80 -4.64
C ASN A 89 34.05 5.27 -3.34
N ARG A 90 35.03 6.18 -3.41
CA ARG A 90 35.65 6.71 -2.19
C ARG A 90 34.77 7.68 -1.41
N PRO A 91 35.10 7.91 -0.12
CA PRO A 91 34.14 8.63 0.78
C PRO A 91 33.89 10.08 0.43
N ASP A 92 34.79 10.70 -0.32
CA ASP A 92 34.59 12.08 -0.70
C ASP A 92 33.89 12.32 -2.04
N THR A 93 33.28 11.27 -2.59
CA THR A 93 32.54 11.33 -3.84
C THR A 93 31.03 11.51 -3.63
N VAL A 94 30.36 12.06 -4.63
CA VAL A 94 28.91 12.31 -4.54
C VAL A 94 28.18 10.97 -4.39
N TYR A 95 28.68 9.94 -5.07
CA TYR A 95 28.01 8.63 -5.06
C TYR A 95 28.09 7.98 -3.70
N TYR A 96 29.25 8.01 -3.05
CA TYR A 96 29.34 7.46 -1.71
C TYR A 96 28.43 8.24 -0.76
N LYS A 97 28.52 9.57 -0.80
CA LYS A 97 27.76 10.39 0.11
C LYS A 97 26.26 10.15 -0.03
N LEU A 98 25.80 10.07 -1.25
CA LEU A 98 24.35 9.87 -1.50
C LEU A 98 23.90 8.50 -1.03
N ALA A 99 24.74 7.48 -1.24
CA ALA A 99 24.41 6.11 -0.86
C ALA A 99 24.24 6.08 0.66
N LYS A 100 25.15 6.72 1.39
CA LYS A 100 25.10 6.72 2.85
C LYS A 100 23.82 7.42 3.28
N LYS A 101 23.52 8.56 2.67
CA LYS A 101 22.37 9.38 3.01
C LYS A 101 21.08 8.59 2.78
N ILE A 102 20.98 7.97 1.62
CA ILE A 102 19.72 7.27 1.28
C ILE A 102 19.58 5.98 2.08
N LEU A 103 20.70 5.33 2.40
CA LEU A 103 20.62 4.13 3.23
C LEU A 103 20.00 4.45 4.60
N HIS A 104 20.47 5.52 5.21
CA HIS A 104 20.00 5.98 6.50
C HIS A 104 18.50 6.30 6.41
N ALA A 105 18.15 7.01 5.34
CA ALA A 105 16.73 7.40 5.07
C ALA A 105 15.83 6.19 4.94
N GLY A 106 16.28 5.19 4.21
CA GLY A 106 15.53 3.98 4.03
C GLY A 106 15.34 3.16 5.27
N PHE A 107 16.37 3.03 6.10
CA PHE A 107 16.21 2.22 7.32
C PHE A 107 15.51 2.95 8.44
N LYS A 108 15.30 4.26 8.25
CA LYS A 108 14.49 5.07 9.15
C LYS A 108 13.03 4.82 8.75
N MET A 109 12.75 5.03 7.48
CA MET A 109 11.41 4.76 6.92
C MET A 109 10.92 3.32 7.14
N MET A 110 11.80 2.35 6.94
CA MET A 110 11.42 0.93 6.98
C MET A 110 11.94 0.22 8.21
N SER A 111 12.05 0.99 9.31
CA SER A 111 12.57 0.48 10.57
C SER A 111 11.59 -0.50 11.19
N LYS A 112 12.08 -1.27 12.15
CA LYS A 112 11.24 -2.18 12.93
C LYS A 112 10.11 -1.45 13.64
N GLU A 113 10.42 -0.30 14.24
CA GLU A 113 9.41 0.49 14.96
C GLU A 113 8.25 0.83 14.02
N ARG A 114 8.59 1.40 12.87
CA ARG A 114 7.62 1.80 11.87
C ARG A 114 6.86 0.59 11.31
N LEU A 115 7.52 -0.56 11.19
CA LEU A 115 6.88 -1.75 10.65
C LEU A 115 5.93 -2.35 11.69
N LEU A 116 6.36 -2.37 12.95
CA LEU A 116 5.46 -2.75 14.05
C LEU A 116 4.18 -1.89 14.06
N ALA A 117 4.30 -0.58 13.89
CA ALA A 117 3.12 0.32 13.87
C ALA A 117 2.15 -0.01 12.74
N LEU A 118 2.70 -0.40 11.59
CA LEU A 118 1.90 -0.83 10.46
C LEU A 118 1.28 -2.20 10.74
N LYS A 119 2.11 -3.14 11.20
CA LYS A 119 1.67 -4.48 11.60
C LYS A 119 0.47 -4.39 12.57
N ARG A 120 0.59 -3.51 13.57
CA ARG A 120 -0.50 -3.23 14.50
C ARG A 120 -1.75 -2.68 13.79
N SER A 121 -1.57 -1.82 12.78
CA SER A 121 -2.70 -1.24 12.08
C SER A 121 -3.44 -2.28 11.23
N MET A 122 -2.81 -3.42 10.95
CA MET A 122 -3.46 -4.53 10.26
C MET A 122 -4.31 -5.28 11.28
N SER A 123 -4.74 -4.53 12.30
CA SER A 123 -5.64 -4.96 13.35
C SER A 123 -5.05 -5.99 14.29
N SER B 11 1.28 10.09 1.77
CA SER B 11 0.54 9.11 2.65
C SER B 11 1.48 8.34 3.55
N THR B 12 0.91 7.85 4.63
CA THR B 12 1.57 6.86 5.46
C THR B 12 1.33 5.51 4.81
N PRO B 13 2.11 4.50 5.24
CA PRO B 13 1.88 3.15 4.79
C PRO B 13 0.45 2.64 5.07
N ILE B 14 -0.08 2.88 6.29
CA ILE B 14 -1.43 2.38 6.62
C ILE B 14 -2.46 3.02 5.72
N GLN B 15 -2.33 4.32 5.45
CA GLN B 15 -3.22 4.97 4.48
C GLN B 15 -3.13 4.28 3.13
N GLN B 16 -1.90 3.98 2.67
CA GLN B 16 -1.71 3.25 1.41
C GLN B 16 -2.46 1.90 1.39
N LEU B 17 -2.40 1.15 2.48
CA LEU B 17 -3.01 -0.18 2.52
C LEU B 17 -4.53 -0.05 2.46
N LEU B 18 -5.06 0.87 3.25
CA LEU B 18 -6.50 1.13 3.22
C LEU B 18 -6.99 1.66 1.88
N GLU B 19 -6.21 2.53 1.24
CA GLU B 19 -6.61 3.03 -0.07
C GLU B 19 -6.66 1.88 -1.09
N HIS B 20 -5.74 0.91 -0.93
CA HIS B 20 -5.68 -0.26 -1.81
C HIS B 20 -6.98 -1.05 -1.63
N PHE B 21 -7.30 -1.36 -0.39
CA PHE B 21 -8.52 -2.14 -0.12
C PHE B 21 -9.74 -1.38 -0.64
N LEU B 22 -9.81 -0.08 -0.40
CA LEU B 22 -10.95 0.70 -0.88
C LEU B 22 -11.08 0.65 -2.39
N ARG B 23 -9.94 0.79 -3.09
CA ARG B 23 -9.96 0.69 -4.55
C ARG B 23 -10.48 -0.68 -5.01
N GLN B 24 -9.99 -1.74 -4.39
CA GLN B 24 -10.42 -3.11 -4.72
C GLN B 24 -11.93 -3.25 -4.53
N LEU B 25 -12.46 -2.70 -3.43
CA LEU B 25 -13.90 -2.73 -3.15
C LEU B 25 -14.70 -1.90 -4.16
N GLN B 26 -14.26 -0.69 -4.43
CA GLN B 26 -14.94 0.17 -5.40
C GLN B 26 -15.00 -0.46 -6.78
N ARG B 27 -13.98 -1.25 -7.14
CA ARG B 27 -13.96 -1.95 -8.44
C ARG B 27 -15.15 -2.90 -8.59
N LYS B 28 -15.65 -3.40 -7.46
CA LYS B 28 -16.84 -4.26 -7.44
C LYS B 28 -18.16 -3.50 -7.64
N ASP B 29 -18.09 -2.16 -7.64
CA ASP B 29 -19.25 -1.30 -7.79
C ASP B 29 -19.03 -0.36 -8.95
N PRO B 30 -19.02 -0.89 -10.19
CA PRO B 30 -18.68 -0.05 -11.33
C PRO B 30 -19.60 1.14 -11.49
N HIS B 31 -20.89 0.97 -11.19
CA HIS B 31 -21.88 2.03 -11.36
C HIS B 31 -21.86 3.10 -10.28
N GLY B 32 -21.04 2.91 -9.25
CA GLY B 32 -20.90 3.91 -8.17
C GLY B 32 -22.13 4.06 -7.28
N PHE B 33 -22.84 2.96 -7.05
CA PHE B 33 -24.02 3.01 -6.18
C PHE B 33 -23.67 3.47 -4.76
N PHE B 34 -22.53 3.00 -4.27
CA PHE B 34 -22.09 3.25 -2.88
C PHE B 34 -21.09 4.38 -2.72
N ALA B 35 -20.96 5.19 -3.75
CA ALA B 35 -19.91 6.21 -3.81
C ALA B 35 -20.16 7.41 -2.90
N PHE B 36 -21.43 7.76 -2.71
CA PHE B 36 -21.82 8.91 -1.92
C PHE B 36 -23.06 8.59 -1.07
N PRO B 37 -23.38 9.45 -0.09
CA PRO B 37 -24.53 9.15 0.79
C PRO B 37 -25.85 9.08 0.01
N VAL B 38 -26.73 8.17 0.39
CA VAL B 38 -28.01 8.04 -0.23
C VAL B 38 -28.91 9.17 0.27
N THR B 39 -29.53 9.87 -0.65
CA THR B 39 -30.43 10.95 -0.27
C THR B 39 -31.90 10.50 -0.20
N ASP B 40 -32.69 11.18 0.59
CA ASP B 40 -34.12 10.96 0.65
C ASP B 40 -34.87 11.23 -0.69
N ALA B 41 -34.35 12.12 -1.53
CA ALA B 41 -34.98 12.37 -2.81
C ALA B 41 -34.95 11.18 -3.78
N ILE B 42 -33.92 10.36 -3.62
CA ILE B 42 -33.78 9.17 -4.39
C ILE B 42 -34.51 8.04 -3.66
N ALA B 43 -34.36 8.02 -2.33
CA ALA B 43 -34.77 6.88 -1.46
C ALA B 43 -35.65 7.34 -0.29
N PRO B 44 -36.97 7.44 -0.52
CA PRO B 44 -37.87 7.95 0.52
C PRO B 44 -37.68 7.24 1.87
N GLY B 45 -37.64 8.02 2.95
CA GLY B 45 -37.49 7.50 4.32
C GLY B 45 -36.11 7.04 4.76
N TYR B 46 -35.12 7.13 3.85
CA TYR B 46 -33.80 6.61 4.12
C TYR B 46 -33.19 7.09 5.42
N SER B 47 -33.27 8.40 5.69
CA SER B 47 -32.62 9.01 6.85
C SER B 47 -33.23 8.62 8.21
N MET B 48 -34.46 8.14 8.18
CA MET B 48 -35.11 7.60 9.38
C MET B 48 -34.84 6.10 9.58
N ILE B 49 -34.73 5.38 8.49
CA ILE B 49 -34.55 3.89 8.52
C ILE B 49 -33.09 3.55 8.80
N ILE B 50 -32.20 4.35 8.20
CA ILE B 50 -30.76 4.15 8.32
C ILE B 50 -30.21 5.30 9.17
N LYS B 51 -30.11 5.05 10.46
CA LYS B 51 -29.57 6.04 11.42
C LYS B 51 -28.03 6.17 11.42
N HIS B 52 -27.33 5.20 10.80
CA HIS B 52 -25.87 5.14 10.75
C HIS B 52 -25.41 5.03 9.34
N PRO B 53 -25.60 6.11 8.57
CA PRO B 53 -25.23 6.00 7.17
C PRO B 53 -23.72 5.84 6.94
N MET B 54 -23.37 5.22 5.82
CA MET B 54 -21.96 5.09 5.44
C MET B 54 -21.88 4.91 3.94
N ASP B 55 -20.74 5.30 3.37
CA ASP B 55 -20.54 5.21 1.92
C ASP B 55 -19.04 5.26 1.65
N PHE B 56 -18.62 4.86 0.45
CA PHE B 56 -17.19 4.81 0.13
C PHE B 56 -16.51 6.19 0.18
N GLY B 57 -17.23 7.24 -0.20
CA GLY B 57 -16.71 8.62 -0.08
C GLY B 57 -16.32 9.01 1.34
N THR B 58 -17.20 8.73 2.27
CA THR B 58 -16.93 8.94 3.68
C THR B 58 -15.74 8.10 4.13
N MET B 59 -15.67 6.86 3.66
CA MET B 59 -14.54 5.99 4.02
C MET B 59 -13.21 6.57 3.50
N LYS B 60 -13.18 6.98 2.24
CA LYS B 60 -12.00 7.71 1.66
C LYS B 60 -11.61 8.92 2.53
N ASP B 61 -12.60 9.73 2.92
CA ASP B 61 -12.36 10.93 3.71
C ASP B 61 -11.76 10.58 5.07
N LYS B 62 -12.20 9.46 5.66
CA LYS B 62 -11.67 9.02 6.95
C LYS B 62 -10.24 8.52 6.80
N ILE B 63 -9.95 7.91 5.66
CA ILE B 63 -8.57 7.51 5.37
C ILE B 63 -7.69 8.76 5.27
N VAL B 64 -8.13 9.71 4.45
CA VAL B 64 -7.42 11.01 4.23
C VAL B 64 -7.22 11.81 5.52
N ALA B 65 -8.23 11.80 6.39
CA ALA B 65 -8.16 12.51 7.67
C ALA B 65 -7.43 11.65 8.71
N ASN B 66 -6.97 10.47 8.27
CA ASN B 66 -6.22 9.53 9.09
C ASN B 66 -6.98 9.08 10.34
N GLU B 67 -8.30 8.85 10.19
CA GLU B 67 -9.18 8.48 11.32
C GLU B 67 -9.24 6.98 11.66
N TYR B 68 -8.87 6.10 10.73
CA TYR B 68 -8.75 4.66 10.99
C TYR B 68 -7.46 4.21 11.68
N LYS B 69 -7.61 3.58 12.84
CA LYS B 69 -6.51 2.96 13.57
C LYS B 69 -6.16 1.54 13.11
N SER B 70 -7.08 0.87 12.44
CA SER B 70 -6.89 -0.54 12.17
C SER B 70 -7.76 -0.96 10.99
N VAL B 71 -7.36 -2.04 10.33
CA VAL B 71 -8.18 -2.66 9.26
C VAL B 71 -9.55 -3.11 9.84
N THR B 72 -9.59 -3.57 11.09
CA THR B 72 -10.88 -3.92 11.72
C THR B 72 -11.86 -2.74 11.70
N GLU B 73 -11.39 -1.54 12.03
CA GLU B 73 -12.25 -0.37 11.95
C GLU B 73 -12.75 -0.07 10.53
N PHE B 74 -11.85 -0.18 9.55
CA PHE B 74 -12.19 0.01 8.15
C PHE B 74 -13.26 -1.00 7.75
N LYS B 75 -13.00 -2.27 8.05
CA LYS B 75 -13.97 -3.35 7.77
C LYS B 75 -15.35 -3.08 8.39
N ALA B 76 -15.38 -2.53 9.60
CA ALA B 76 -16.63 -2.26 10.25
C ALA B 76 -17.44 -1.22 9.49
N ASP B 77 -16.81 -0.18 8.97
CA ASP B 77 -17.54 0.78 8.16
C ASP B 77 -18.05 0.16 6.85
N PHE B 78 -17.24 -0.68 6.22
CA PHE B 78 -17.68 -1.39 5.02
C PHE B 78 -18.88 -2.29 5.30
N LYS B 79 -18.80 -3.02 6.41
CA LYS B 79 -19.94 -3.86 6.82
C LYS B 79 -21.20 -3.05 7.04
N LEU B 80 -21.05 -1.90 7.74
CA LEU B 80 -22.18 -1.02 7.94
C LEU B 80 -22.82 -0.57 6.65
N MET B 81 -22.01 -0.12 5.72
CA MET B 81 -22.45 0.29 4.41
C MET B 81 -23.28 -0.78 3.71
N CYS B 82 -22.78 -2.01 3.69
CA CYS B 82 -23.50 -3.09 3.01
C CYS B 82 -24.78 -3.47 3.78
N ASP B 83 -24.66 -3.56 5.11
CA ASP B 83 -25.81 -3.83 5.96
C ASP B 83 -26.94 -2.80 5.75
N ASN B 84 -26.58 -1.54 5.66
CA ASN B 84 -27.61 -0.53 5.46
C ASN B 84 -28.37 -0.80 4.19
N ALA B 85 -27.65 -1.13 3.12
CA ALA B 85 -28.28 -1.36 1.82
C ALA B 85 -29.18 -2.60 1.87
N MET B 86 -28.75 -3.62 2.59
CA MET B 86 -29.57 -4.82 2.71
C MET B 86 -30.77 -4.64 3.68
N THR B 87 -30.77 -3.59 4.49
CA THR B 87 -31.83 -3.24 5.39
C THR B 87 -32.89 -2.39 4.71
N TYR B 88 -32.43 -1.34 4.01
CA TYR B 88 -33.37 -0.41 3.40
C TYR B 88 -34.06 -1.00 2.18
N ASN B 89 -33.29 -1.68 1.32
CA ASN B 89 -33.77 -2.19 0.05
C ASN B 89 -34.27 -3.60 0.15
N ARG B 90 -35.30 -3.90 -0.62
CA ARG B 90 -35.87 -5.23 -0.64
C ARG B 90 -34.94 -6.22 -1.32
N PRO B 91 -35.09 -7.53 -0.97
CA PRO B 91 -34.14 -8.52 -1.49
C PRO B 91 -34.02 -8.64 -3.02
N ASP B 92 -35.08 -8.33 -3.75
CA ASP B 92 -35.03 -8.39 -5.20
C ASP B 92 -34.43 -7.17 -5.93
N THR B 93 -33.86 -6.20 -5.19
CA THR B 93 -33.37 -4.98 -5.82
C THR B 93 -31.88 -5.09 -6.13
N VAL B 94 -31.40 -4.28 -7.08
CA VAL B 94 -30.01 -4.25 -7.50
C VAL B 94 -29.09 -3.92 -6.32
N TYR B 95 -29.57 -3.02 -5.46
CA TYR B 95 -28.76 -2.53 -4.36
C TYR B 95 -28.56 -3.59 -3.28
N TYR B 96 -29.63 -4.31 -2.97
CA TYR B 96 -29.55 -5.41 -2.03
C TYR B 96 -28.57 -6.45 -2.56
N LYS B 97 -28.75 -6.86 -3.81
CA LYS B 97 -27.98 -7.99 -4.36
C LYS B 97 -26.49 -7.62 -4.47
N LEU B 98 -26.22 -6.40 -4.94
CA LEU B 98 -24.83 -5.93 -5.02
C LEU B 98 -24.19 -5.83 -3.61
N ALA B 99 -24.93 -5.31 -2.63
CA ALA B 99 -24.41 -5.21 -1.26
C ALA B 99 -24.02 -6.56 -0.71
N LYS B 100 -24.85 -7.54 -0.99
CA LYS B 100 -24.64 -8.90 -0.50
C LYS B 100 -23.38 -9.49 -1.12
N LYS B 101 -23.28 -9.33 -2.42
CA LYS B 101 -22.17 -9.88 -3.15
C LYS B 101 -20.87 -9.25 -2.64
N ILE B 102 -20.84 -7.91 -2.48
CA ILE B 102 -19.59 -7.26 -2.12
C ILE B 102 -19.23 -7.38 -0.66
N LEU B 103 -20.23 -7.46 0.22
CA LEU B 103 -19.95 -7.76 1.62
C LEU B 103 -19.14 -9.05 1.78
N HIS B 104 -19.60 -10.11 1.14
CA HIS B 104 -18.91 -11.40 1.20
C HIS B 104 -17.55 -11.31 0.51
N ALA B 105 -17.48 -10.66 -0.64
CA ALA B 105 -16.19 -10.61 -1.34
C ALA B 105 -15.17 -9.81 -0.50
N GLY B 106 -15.62 -8.71 0.08
CA GLY B 106 -14.73 -7.81 0.81
C GLY B 106 -14.23 -8.43 2.09
N PHE B 107 -15.08 -9.18 2.78
CA PHE B 107 -14.67 -9.84 3.97
C PHE B 107 -13.67 -10.98 3.71
N LYS B 108 -13.75 -11.60 2.54
CA LYS B 108 -12.76 -12.58 2.11
C LYS B 108 -11.41 -11.90 1.84
N MET B 109 -11.46 -10.80 1.09
CA MET B 109 -10.28 -9.99 0.78
C MET B 109 -9.50 -9.50 2.02
N MET B 110 -10.25 -9.16 3.06
CA MET B 110 -9.69 -8.66 4.32
C MET B 110 -9.88 -9.64 5.47
N SER B 111 -9.87 -10.93 5.14
CA SER B 111 -10.05 -11.96 6.14
C SER B 111 -8.93 -11.91 7.16
N LYS B 112 -9.22 -12.40 8.36
CA LYS B 112 -8.21 -12.51 9.41
C LYS B 112 -6.96 -13.24 8.90
N GLU B 113 -7.16 -14.29 8.11
CA GLU B 113 -6.04 -15.09 7.60
C GLU B 113 -5.15 -14.27 6.66
N ARG B 114 -5.79 -13.52 5.75
CA ARG B 114 -5.05 -12.68 4.78
C ARG B 114 -4.31 -11.59 5.49
N LEU B 115 -4.92 -10.97 6.49
CA LEU B 115 -4.22 -9.96 7.29
C LEU B 115 -3.04 -10.55 8.08
N LEU B 116 -3.16 -11.81 8.51
CA LEU B 116 -2.07 -12.47 9.21
C LEU B 116 -0.88 -12.70 8.31
N ALA B 117 -1.12 -13.22 7.11
CA ALA B 117 -0.05 -13.38 6.13
C ALA B 117 0.58 -12.04 5.73
N LEU B 118 -0.23 -10.99 5.59
CA LEU B 118 0.32 -9.66 5.32
C LEU B 118 1.21 -9.16 6.46
N LYS B 119 0.77 -9.38 7.70
CA LYS B 119 1.53 -9.03 8.90
C LYS B 119 2.87 -9.76 8.95
N ARG B 120 2.88 -11.02 8.52
CA ARG B 120 4.10 -11.83 8.43
C ARG B 120 5.08 -11.28 7.41
N SER B 121 4.56 -10.74 6.31
CA SER B 121 5.39 -10.23 5.22
C SER B 121 6.11 -8.90 5.53
N MET B 122 5.90 -8.35 6.72
CA MET B 122 6.67 -7.20 7.19
C MET B 122 7.95 -7.69 7.88
C10 BMF C . 26.25 7.25 -12.24
N12 BMF C . 26.25 5.81 -10.35
C15 BMF C . 29.02 5.87 -10.22
C17 BMF C . 31.28 6.45 -10.81
C20 BMF C . 34.91 6.62 -10.87
C22 BMF C . 28.34 6.61 -11.20
C26 BMF C . 25.01 4.05 -8.23
C28 BMF C . 25.98 8.80 -14.07
C01 BMF C . 23.93 8.93 -15.33
C02 BMF C . 24.68 8.34 -14.30
C03 BMF C . 24.18 7.31 -13.50
N04 BMF C . 22.94 6.87 -13.70
S05 BMF C . 22.73 5.42 -14.49
C06 BMF C . 23.66 4.06 -13.79
O07 BMF C . 21.25 5.03 -14.48
O08 BMF C . 23.29 5.65 -15.89
C09 BMF C . 24.96 6.76 -12.50
C11 BMF C . 26.95 6.58 -11.23
N13 BMF C . 26.96 5.14 -9.43
C14 BMF C . 28.29 5.15 -9.35
N16 BMF C . 30.36 5.83 -10.03
O18 BMF C . 32.57 6.41 -10.42
C19 BMF C . 33.52 7.14 -11.21
O21 BMF C . 30.99 7.09 -11.84
N23 BMF C . 28.64 4.33 -8.34
N24 BMF C . 27.52 3.83 -7.82
C25 BMF C . 26.49 4.33 -8.49
C27 BMF C . 26.78 8.26 -13.06
N12 BMF D . -28.09 3.75 -3.99
C15 BMF D . -30.76 3.27 -3.42
C17 BMF D . -33.11 3.18 -3.75
C20 BMF D . -36.65 3.02 -2.99
C22 BMF D . -30.37 4.07 -4.52
C26 BMF D . -26.30 2.48 -2.02
C11 BMF D . -29.02 4.30 -4.79
N13 BMF D . -28.54 3.04 -2.97
C14 BMF D . -29.80 2.77 -2.66
N16 BMF D . -32.00 2.91 -3.03
O18 BMF D . -34.29 2.68 -3.26
C19 BMF D . -35.47 3.16 -3.95
O21 BMF D . -33.09 3.84 -4.79
N23 BMF D . -29.83 2.01 -1.55
N24 BMF D . -28.58 1.80 -1.18
C25 BMF D . -27.82 2.43 -2.05
#